data_8RZE
#
_entry.id   8RZE
#
_cell.length_a   168.065
_cell.length_b   168.065
_cell.length_c   52.008
_cell.angle_alpha   90.000
_cell.angle_beta   90.000
_cell.angle_gamma   120.000
#
_symmetry.space_group_name_H-M   'P 31 2 1'
#
loop_
_entity.id
_entity.type
_entity.pdbx_description
1 polymer "2'-O-methyltransferase nsp16"
2 polymer 'Non-structural protein 10'
3 non-polymer '3-[[(2S,3S,4R,5R)-5-(6-aminopurin-9-yl)-3,4-bis(oxidanyl)oxolan-2-yl]methylsulfanylmethyl]-5-pyridin-3-yl-benzoic acid'
4 non-polymer '2-(N-MORPHOLINO)-ETHANESULFONIC ACID'
5 non-polymer 'ZINC ION'
6 water water
#
loop_
_entity_poly.entity_id
_entity_poly.type
_entity_poly.pdbx_seq_one_letter_code
_entity_poly.pdbx_strand_id
1 'polypeptide(L)'
;GSMASSQAWQPGVAMPNLYKMQRMLLEKCDLQNYGDSATLPKGIMMNVAKYTQLCQYLNTLTLAVPYNMRVIHFGAGSDK
GVAPGTAVLRQWLPTGTLLVDSDLNDFVSDADSTLIGDCATVHTANKWDLIISDMYDPKTKNVTKENDSKEGFFTYICGF
IQQKLALGGSVAIKITEHSWNADLYKLMGHFAWWTAFVTNVNASSSEAFLIGCNYLGKPREQIDGYVMHANYIFWRNTNP
IQLSSYSLFDMSKFPLKLRGTAVMSLKEGQINDMILSLLSKGRLIIRENNRVVISSDVLVNN
;
A
2 'polypeptide(L)'
;GSMAGNATEVPANSTVLSFCAFAVDAAKAYKDYLASGGQPITNCVKMLCTHTGTGQAITVTPEANMDQESFGGASCCLYC
RCHIDHPNPKGFCDLKGKYVQIPTTCANDPVGFTLKNTVCTVCGMWKGYGCSCDQLREPMLQ
;
B
#
# COMPACT_ATOMS: atom_id res chain seq x y z
N SER A 6 26.44 7.32 -0.44
CA SER A 6 25.33 7.75 -1.28
C SER A 6 24.04 7.02 -0.89
N GLN A 7 22.92 7.67 -1.16
CA GLN A 7 21.60 7.20 -0.77
C GLN A 7 20.90 6.39 -1.88
N ALA A 8 21.60 6.09 -2.97
CA ALA A 8 20.99 5.38 -4.08
C ALA A 8 20.71 3.93 -3.75
N TRP A 9 21.34 3.37 -2.71
CA TRP A 9 21.04 2.01 -2.27
C TRP A 9 19.97 1.97 -1.18
N GLN A 10 19.52 3.11 -0.67
CA GLN A 10 18.39 3.14 0.26
C GLN A 10 17.09 2.97 -0.53
N PRO A 11 15.97 2.67 0.15
CA PRO A 11 14.68 2.69 -0.57
C PRO A 11 14.25 4.10 -0.97
N GLY A 12 14.82 5.13 -0.36
CA GLY A 12 14.40 6.50 -0.64
C GLY A 12 15.14 7.43 0.32
N VAL A 13 14.64 8.66 0.43
CA VAL A 13 15.30 9.69 1.20
C VAL A 13 14.24 10.37 2.06
N ALA A 14 14.51 10.45 3.36
CA ALA A 14 13.64 11.13 4.31
C ALA A 14 14.13 12.56 4.52
N MET A 15 13.19 13.47 4.72
CA MET A 15 13.48 14.89 4.90
C MET A 15 14.38 15.09 6.13
N PRO A 16 15.59 15.64 5.97
CA PRO A 16 16.49 15.76 7.12
C PRO A 16 15.94 16.72 8.18
N ASN A 17 16.28 16.42 9.45
CA ASN A 17 15.69 17.15 10.56
C ASN A 17 15.97 18.64 10.48
N LEU A 18 17.16 19.04 9.99
CA LEU A 18 17.45 20.46 9.96
C LEU A 18 16.53 21.22 9.02
N TYR A 19 16.11 20.58 7.91
CA TYR A 19 15.14 21.24 7.05
C TYR A 19 13.79 21.41 7.74
N LYS A 20 13.41 20.48 8.62
CA LYS A 20 12.15 20.62 9.35
C LYS A 20 12.14 21.86 10.24
N MET A 21 13.32 22.30 10.69
CA MET A 21 13.46 23.39 11.65
C MET A 21 13.50 24.76 11.01
N GLN A 22 13.40 24.84 9.68
CA GLN A 22 13.54 26.13 9.03
C GLN A 22 12.21 26.88 9.06
N ARG A 23 12.22 28.08 8.53
CA ARG A 23 11.02 28.90 8.41
C ARG A 23 10.94 29.48 6.99
N MET A 24 11.01 28.59 6.00
CA MET A 24 11.04 29.01 4.60
C MET A 24 9.68 29.52 4.15
N LEU A 25 9.69 30.35 3.13
CA LEU A 25 8.46 30.74 2.47
C LEU A 25 8.23 29.82 1.28
N LEU A 26 6.95 29.60 0.95
CA LEU A 26 6.61 28.65 -0.10
C LEU A 26 7.02 29.20 -1.46
N GLU A 27 7.70 28.39 -2.26
CA GLU A 27 7.95 28.76 -3.64
C GLU A 27 7.63 27.57 -4.54
N LYS A 28 7.68 27.81 -5.85
CA LYS A 28 7.38 26.74 -6.79
C LYS A 28 8.41 25.63 -6.66
N CYS A 29 7.95 24.39 -6.82
CA CYS A 29 8.86 23.26 -6.78
C CYS A 29 9.42 23.06 -8.17
N ASP A 30 10.75 22.97 -8.26
CA ASP A 30 11.46 22.88 -9.54
C ASP A 30 12.55 21.82 -9.36
N LEU A 31 12.26 20.60 -9.78
CA LEU A 31 13.13 19.47 -9.49
C LEU A 31 14.15 19.30 -10.61
N GLN A 32 15.43 19.23 -10.21
CA GLN A 32 16.51 19.07 -11.19
C GLN A 32 16.26 17.86 -12.09
N ASN A 33 15.85 16.74 -11.48
CA ASN A 33 15.68 15.48 -12.18
C ASN A 33 14.25 15.31 -12.71
N TYR A 34 13.51 16.41 -12.84
CA TYR A 34 12.09 16.37 -13.20
C TYR A 34 11.80 15.49 -14.41
N GLY A 35 12.69 15.49 -15.40
CA GLY A 35 12.42 14.73 -16.61
C GLY A 35 12.62 13.23 -16.48
N ASP A 36 13.53 12.80 -15.61
CA ASP A 36 14.05 11.44 -15.66
C ASP A 36 13.04 10.44 -15.09
N SER A 37 13.34 9.15 -15.34
CA SER A 37 12.62 8.00 -14.80
C SER A 37 13.63 6.95 -14.40
N ALA A 38 13.37 6.24 -13.30
CA ALA A 38 14.19 5.09 -12.94
C ALA A 38 13.88 3.94 -13.88
N THR A 39 14.87 3.06 -14.08
CA THR A 39 14.68 1.84 -14.84
C THR A 39 14.17 0.77 -13.87
N LEU A 40 12.91 0.41 -14.01
CA LEU A 40 12.30 -0.59 -13.16
C LEU A 40 12.73 -1.99 -13.60
N PRO A 41 12.79 -2.96 -12.68
CA PRO A 41 12.98 -4.35 -13.10
C PRO A 41 11.96 -4.74 -14.15
N LYS A 42 12.36 -5.65 -15.03
CA LYS A 42 11.51 -6.05 -16.16
C LYS A 42 10.11 -6.41 -15.68
N GLY A 43 9.10 -5.77 -16.28
CA GLY A 43 7.71 -6.05 -16.00
C GLY A 43 7.19 -5.58 -14.67
N ILE A 44 7.97 -4.82 -13.89
CA ILE A 44 7.49 -4.31 -12.60
C ILE A 44 6.88 -2.93 -12.82
N MET A 45 5.69 -2.70 -12.27
CA MET A 45 5.03 -1.41 -12.46
C MET A 45 5.42 -0.40 -11.36
N MET A 46 5.35 0.89 -11.71
CA MET A 46 5.72 1.96 -10.77
C MET A 46 5.03 1.80 -9.41
N ASN A 47 3.76 1.44 -9.38
CA ASN A 47 3.07 1.42 -8.09
C ASN A 47 3.57 0.29 -7.19
N VAL A 48 3.96 -0.85 -7.78
CA VAL A 48 4.55 -1.91 -6.96
C VAL A 48 5.91 -1.48 -6.42
N ALA A 49 6.75 -0.92 -7.30
CA ALA A 49 8.07 -0.44 -6.89
C ALA A 49 7.97 0.64 -5.83
N LYS A 50 7.03 1.58 -6.01
CA LYS A 50 6.85 2.68 -5.05
C LYS A 50 6.44 2.16 -3.68
N TYR A 51 5.40 1.32 -3.64
CA TYR A 51 4.98 0.78 -2.35
C TYR A 51 6.04 -0.11 -1.72
N THR A 52 6.79 -0.86 -2.54
CA THR A 52 7.86 -1.68 -1.98
C THR A 52 8.89 -0.81 -1.26
N GLN A 53 9.29 0.30 -1.89
CA GLN A 53 10.27 1.18 -1.25
C GLN A 53 9.70 1.86 -0.02
N LEU A 54 8.41 2.25 -0.06
CA LEU A 54 7.77 2.79 1.14
C LEU A 54 7.83 1.78 2.28
N CYS A 55 7.49 0.53 2.00
CA CYS A 55 7.48 -0.50 3.04
C CYS A 55 8.91 -0.80 3.52
N GLN A 56 9.89 -0.80 2.61
CA GLN A 56 11.29 -0.94 3.02
C GLN A 56 11.73 0.18 3.95
N TYR A 57 11.24 1.41 3.73
CA TYR A 57 11.57 2.49 4.65
C TYR A 57 10.83 2.34 5.97
N LEU A 58 9.55 1.93 5.92
CA LEU A 58 8.80 1.74 7.16
C LEU A 58 9.43 0.63 8.00
N ASN A 59 10.13 -0.29 7.36
CA ASN A 59 10.88 -1.31 8.11
C ASN A 59 11.94 -0.71 9.02
N THR A 60 12.42 0.52 8.77
CA THR A 60 13.45 1.12 9.61
C THR A 60 12.88 1.90 10.78
N LEU A 61 11.56 2.00 10.90
CA LEU A 61 10.95 2.79 11.95
C LEU A 61 10.43 1.88 13.05
N THR A 62 10.05 2.49 14.17
CA THR A 62 9.55 1.75 15.32
C THR A 62 8.02 1.57 15.24
N LEU A 63 7.58 0.95 14.14
CA LEU A 63 6.16 0.66 14.00
C LEU A 63 5.72 -0.36 15.05
N ALA A 64 4.54 -0.14 15.62
CA ALA A 64 3.91 -1.14 16.46
C ALA A 64 3.28 -2.23 15.57
N VAL A 65 3.61 -3.49 15.84
CA VAL A 65 3.08 -4.59 15.03
C VAL A 65 2.41 -5.61 15.94
N PRO A 66 1.16 -5.39 16.34
CA PRO A 66 0.49 -6.33 17.24
C PRO A 66 -0.01 -7.57 16.51
N TYR A 67 -0.35 -8.58 17.30
CA TYR A 67 -1.16 -9.68 16.77
C TYR A 67 -2.49 -9.10 16.29
N ASN A 68 -3.02 -9.66 15.22
CA ASN A 68 -4.27 -9.18 14.63
C ASN A 68 -4.16 -7.69 14.31
N MET A 69 -3.07 -7.33 13.64
CA MET A 69 -2.87 -5.95 13.22
C MET A 69 -3.96 -5.53 12.25
N ARG A 70 -4.32 -4.24 12.30
CA ARG A 70 -5.40 -3.67 11.52
C ARG A 70 -4.84 -2.55 10.65
N VAL A 71 -4.95 -2.70 9.33
CA VAL A 71 -4.39 -1.75 8.38
C VAL A 71 -5.48 -1.36 7.40
N ILE A 72 -5.62 -0.05 7.16
CA ILE A 72 -6.56 0.45 6.14
C ILE A 72 -5.80 1.27 5.11
N HIS A 73 -6.19 1.10 3.84
CA HIS A 73 -5.47 1.65 2.69
C HIS A 73 -6.45 2.43 1.81
N PHE A 74 -6.37 3.77 1.86
CA PHE A 74 -7.18 4.65 1.03
C PHE A 74 -6.50 4.98 -0.29
N GLY A 75 -7.30 5.13 -1.34
CA GLY A 75 -6.79 5.42 -2.67
C GLY A 75 -6.14 4.22 -3.33
N ALA A 76 -6.67 3.03 -3.11
CA ALA A 76 -6.00 1.78 -3.46
C ALA A 76 -6.30 1.30 -4.87
N GLY A 77 -7.20 1.95 -5.59
CA GLY A 77 -7.53 1.52 -6.93
C GLY A 77 -6.56 2.10 -7.97
N SER A 78 -6.50 1.45 -9.13
CA SER A 78 -5.78 1.98 -10.27
C SER A 78 -6.78 2.19 -11.41
N ASP A 79 -6.37 2.95 -12.42
CA ASP A 79 -7.24 3.05 -13.59
C ASP A 79 -7.27 1.74 -14.39
N LYS A 80 -6.52 0.73 -13.97
CA LYS A 80 -6.63 -0.60 -14.54
C LYS A 80 -7.57 -1.50 -13.75
N GLY A 81 -8.16 -1.01 -12.67
CA GLY A 81 -9.10 -1.80 -11.90
C GLY A 81 -8.48 -2.85 -10.99
N VAL A 82 -7.19 -2.72 -10.67
CA VAL A 82 -6.54 -3.61 -9.71
C VAL A 82 -5.91 -2.76 -8.60
N ALA A 83 -5.25 -3.39 -7.64
CA ALA A 83 -4.73 -2.70 -6.45
C ALA A 83 -3.30 -3.14 -6.20
N PRO A 84 -2.33 -2.64 -6.97
CA PRO A 84 -0.94 -3.08 -6.77
C PRO A 84 -0.37 -2.67 -5.42
N GLY A 85 -0.72 -1.48 -4.92
CA GLY A 85 -0.26 -1.09 -3.59
C GLY A 85 -0.79 -2.00 -2.50
N THR A 86 -2.07 -2.36 -2.57
CA THR A 86 -2.60 -3.34 -1.62
C THR A 86 -1.86 -4.66 -1.71
N ALA A 87 -1.55 -5.12 -2.92
CA ALA A 87 -0.81 -6.37 -3.07
C ALA A 87 0.56 -6.29 -2.37
N VAL A 88 1.25 -5.15 -2.47
CA VAL A 88 2.53 -5.01 -1.76
C VAL A 88 2.31 -4.99 -0.25
N LEU A 89 1.28 -4.27 0.21
CA LEU A 89 1.00 -4.22 1.65
C LEU A 89 0.69 -5.60 2.20
N ARG A 90 -0.06 -6.39 1.45
CA ARG A 90 -0.42 -7.74 1.89
C ARG A 90 0.81 -8.64 1.94
N GLN A 91 1.75 -8.45 0.99
CA GLN A 91 3.03 -9.15 1.02
C GLN A 91 3.85 -8.77 2.24
N TRP A 92 3.85 -7.47 2.58
CA TRP A 92 4.68 -6.93 3.64
C TRP A 92 4.15 -7.27 5.04
N LEU A 93 2.84 -7.17 5.25
CA LEU A 93 2.27 -7.29 6.59
C LEU A 93 2.29 -8.76 7.06
N PRO A 94 2.35 -9.01 8.37
CA PRO A 94 2.32 -10.39 8.86
C PRO A 94 1.07 -11.12 8.37
N THR A 95 1.23 -12.43 8.09
CA THR A 95 0.08 -13.24 7.74
C THR A 95 -0.99 -13.13 8.82
N GLY A 96 -2.24 -12.98 8.38
CA GLY A 96 -3.33 -12.77 9.30
C GLY A 96 -3.64 -11.33 9.63
N THR A 97 -2.84 -10.38 9.12
CA THR A 97 -3.16 -8.96 9.31
C THR A 97 -4.47 -8.63 8.58
N LEU A 98 -5.38 -7.95 9.28
CA LEU A 98 -6.62 -7.50 8.64
C LEU A 98 -6.33 -6.25 7.82
N LEU A 99 -6.54 -6.34 6.51
CA LEU A 99 -6.26 -5.26 5.57
C LEU A 99 -7.55 -4.88 4.85
N VAL A 100 -7.95 -3.61 4.99
CA VAL A 100 -9.13 -3.06 4.31
C VAL A 100 -8.65 -1.99 3.32
N ASP A 101 -9.21 -2.01 2.11
CA ASP A 101 -8.92 -1.19 0.93
CA ASP A 101 -8.86 -0.91 1.23
C ASP A 101 -10.10 -0.27 0.62
N SER A 102 -9.82 0.84 -0.07
CA SER A 102 -10.91 1.71 -0.49
C SER A 102 -10.48 2.59 -1.66
N ASP A 103 -11.43 2.94 -2.51
CA ASP A 103 -11.18 3.90 -3.56
C ASP A 103 -12.52 4.40 -4.10
N LEU A 104 -12.46 5.58 -4.73
CA LEU A 104 -13.63 6.17 -5.37
C LEU A 104 -14.16 5.25 -6.47
N ASN A 105 -13.27 4.63 -7.23
CA ASN A 105 -13.65 3.86 -8.41
C ASN A 105 -13.51 2.37 -8.13
N ASP A 106 -14.29 1.57 -8.86
CA ASP A 106 -14.32 0.14 -8.61
C ASP A 106 -12.99 -0.50 -8.99
N PHE A 107 -12.59 -1.52 -8.23
CA PHE A 107 -11.35 -2.25 -8.51
C PHE A 107 -11.43 -3.59 -7.81
N VAL A 108 -10.60 -4.55 -8.25
CA VAL A 108 -10.51 -5.84 -7.56
C VAL A 108 -9.22 -5.89 -6.75
N SER A 109 -9.29 -6.48 -5.56
CA SER A 109 -8.22 -6.32 -4.60
C SER A 109 -7.97 -7.61 -3.85
N ASP A 110 -6.76 -7.73 -3.33
CA ASP A 110 -6.34 -8.79 -2.43
C ASP A 110 -6.62 -8.46 -0.97
N ALA A 111 -7.15 -7.29 -0.68
CA ALA A 111 -7.51 -6.95 0.69
C ALA A 111 -8.60 -7.88 1.21
N ASP A 112 -8.66 -8.00 2.54
CA ASP A 112 -9.73 -8.76 3.18
C ASP A 112 -11.10 -8.14 2.91
N SER A 113 -11.18 -6.82 2.85
CA SER A 113 -12.42 -6.18 2.48
C SER A 113 -12.14 -4.89 1.74
N THR A 114 -13.00 -4.56 0.79
CA THR A 114 -12.85 -3.39 -0.08
C THR A 114 -14.14 -2.58 -0.07
N LEU A 115 -14.02 -1.26 0.12
CA LEU A 115 -15.16 -0.34 0.06
C LEU A 115 -14.97 0.60 -1.12
N ILE A 116 -16.02 0.78 -1.92
CA ILE A 116 -15.98 1.61 -3.11
C ILE A 116 -16.83 2.84 -2.85
N GLY A 117 -16.27 4.02 -3.15
CA GLY A 117 -16.95 5.27 -2.92
C GLY A 117 -16.01 6.32 -2.40
N ASP A 118 -16.46 7.57 -2.31
CA ASP A 118 -15.63 8.63 -1.74
C ASP A 118 -15.20 8.24 -0.33
N CYS A 119 -13.95 8.54 0.03
CA CYS A 119 -13.51 8.12 1.35
C CYS A 119 -14.37 8.72 2.46
N ALA A 120 -14.97 9.89 2.25
CA ALA A 120 -15.87 10.47 3.25
C ALA A 120 -17.06 9.56 3.57
N THR A 121 -17.44 8.63 2.67
CA THR A 121 -18.50 7.67 2.96
C THR A 121 -18.04 6.49 3.83
N VAL A 122 -16.74 6.38 4.13
CA VAL A 122 -16.22 5.22 4.85
C VAL A 122 -16.32 5.46 6.36
N HIS A 123 -16.92 4.50 7.06
CA HIS A 123 -17.02 4.54 8.52
C HIS A 123 -16.58 3.19 9.08
N THR A 124 -15.91 3.22 10.24
CA THR A 124 -15.47 2.00 10.87
C THR A 124 -15.76 2.08 12.36
N ALA A 125 -16.12 0.93 12.94
CA ALA A 125 -16.33 0.89 14.38
C ALA A 125 -15.00 0.90 15.12
N ASN A 126 -14.04 0.13 14.61
CA ASN A 126 -12.77 -0.10 15.28
C ASN A 126 -11.78 1.04 15.01
N LYS A 127 -10.69 1.03 15.78
CA LYS A 127 -9.51 1.83 15.47
C LYS A 127 -8.50 0.99 14.69
N TRP A 128 -7.49 1.66 14.14
CA TRP A 128 -6.55 1.03 13.23
C TRP A 128 -5.13 1.23 13.72
N ASP A 129 -4.25 0.30 13.37
CA ASP A 129 -2.84 0.37 13.76
C ASP A 129 -1.97 1.08 12.73
N LEU A 130 -2.41 1.14 11.48
CA LEU A 130 -1.63 1.75 10.40
C LEU A 130 -2.60 2.22 9.33
N ILE A 131 -2.45 3.47 8.90
CA ILE A 131 -3.27 4.06 7.85
C ILE A 131 -2.33 4.43 6.70
N ILE A 132 -2.62 3.93 5.50
CA ILE A 132 -1.88 4.25 4.28
C ILE A 132 -2.83 4.98 3.34
N SER A 133 -2.36 6.06 2.71
CA SER A 133 -3.17 6.79 1.74
C SER A 133 -2.33 7.16 0.53
N ASP A 134 -2.84 6.79 -0.64
CA ASP A 134 -2.35 7.22 -1.94
C ASP A 134 -3.28 8.21 -2.61
N MET A 135 -4.29 8.69 -1.91
CA MET A 135 -5.28 9.54 -2.57
C MET A 135 -4.63 10.81 -3.10
N TYR A 136 -5.10 11.22 -4.27
CA TYR A 136 -4.51 12.34 -5.00
C TYR A 136 -5.54 12.81 -6.01
N ASP A 137 -5.73 14.12 -6.11
CA ASP A 137 -6.66 14.70 -7.06
C ASP A 137 -5.86 15.50 -8.09
N PRO A 138 -5.71 15.02 -9.33
CA PRO A 138 -4.79 15.67 -10.27
C PRO A 138 -5.19 17.10 -10.60
N LYS A 139 -6.45 17.46 -10.39
CA LYS A 139 -6.91 18.83 -10.56
C LYS A 139 -6.28 19.80 -9.57
N THR A 140 -5.52 19.32 -8.57
CA THR A 140 -4.78 20.22 -7.69
C THR A 140 -3.53 20.79 -8.36
N LYS A 141 -2.99 20.11 -9.39
CA LYS A 141 -1.75 20.55 -10.03
C LYS A 141 -2.04 21.72 -10.97
N ASN A 142 -2.48 22.82 -10.36
CA ASN A 142 -2.78 24.06 -11.07
C ASN A 142 -1.63 25.02 -10.82
N VAL A 143 -0.70 25.11 -11.79
CA VAL A 143 0.47 25.97 -11.63
C VAL A 143 0.14 27.45 -11.77
N THR A 144 -1.09 27.80 -12.17
CA THR A 144 -1.44 29.18 -12.45
C THR A 144 -2.24 29.85 -11.34
N LYS A 145 -2.35 29.23 -10.17
CA LYS A 145 -2.90 29.89 -9.00
C LYS A 145 -2.06 29.56 -7.78
N GLU A 146 -2.19 30.41 -6.76
CA GLU A 146 -1.61 30.23 -5.44
C GLU A 146 -1.74 28.78 -4.97
N ASN A 147 -0.68 28.27 -4.38
CA ASN A 147 -0.65 26.92 -3.84
C ASN A 147 -1.05 26.99 -2.37
N ASP A 148 -2.35 26.90 -2.10
CA ASP A 148 -2.85 26.94 -0.73
C ASP A 148 -3.15 25.54 -0.23
N SER A 149 -3.35 25.43 1.09
CA SER A 149 -3.71 24.16 1.71
C SER A 149 -5.01 23.64 1.09
N LYS A 150 -5.04 22.35 0.77
CA LYS A 150 -6.19 21.76 0.08
C LYS A 150 -7.09 21.04 1.09
N GLU A 151 -8.39 21.04 0.82
CA GLU A 151 -9.20 20.30 1.78
C GLU A 151 -9.60 18.92 1.26
N GLY A 152 -10.73 18.82 0.57
CA GLY A 152 -11.23 17.54 0.08
C GLY A 152 -10.94 16.35 1.00
N PHE A 153 -10.36 15.29 0.42
CA PHE A 153 -10.05 14.08 1.18
C PHE A 153 -9.10 14.34 2.36
N PHE A 154 -8.28 15.41 2.33
CA PHE A 154 -7.41 15.67 3.48
C PHE A 154 -8.21 15.98 4.73
N THR A 155 -9.37 16.64 4.59
CA THR A 155 -10.21 16.89 5.75
C THR A 155 -10.65 15.57 6.38
N TYR A 156 -11.08 14.63 5.54
CA TYR A 156 -11.46 13.32 6.04
C TYR A 156 -10.30 12.64 6.75
N ILE A 157 -9.12 12.66 6.11
CA ILE A 157 -7.96 11.95 6.65
C ILE A 157 -7.59 12.47 8.03
N CYS A 158 -7.58 13.81 8.21
CA CYS A 158 -7.25 14.37 9.53
C CYS A 158 -8.24 13.90 10.59
N GLY A 159 -9.54 13.95 10.29
CA GLY A 159 -10.52 13.46 11.25
C GLY A 159 -10.37 11.98 11.50
N PHE A 160 -10.08 11.20 10.45
CA PHE A 160 -9.97 9.75 10.62
C PHE A 160 -8.80 9.41 11.52
N ILE A 161 -7.67 10.11 11.35
CA ILE A 161 -6.52 9.91 12.22
C ILE A 161 -6.89 10.23 13.66
N GLN A 162 -7.56 11.37 13.87
CA GLN A 162 -7.88 11.79 15.23
C GLN A 162 -8.91 10.90 15.90
N GLN A 163 -9.85 10.33 15.13
CA GLN A 163 -10.92 9.51 15.70
C GLN A 163 -10.61 8.02 15.69
N LYS A 164 -9.90 7.50 14.69
CA LYS A 164 -9.84 6.07 14.45
C LYS A 164 -8.42 5.51 14.36
N LEU A 165 -7.38 6.28 14.72
CA LEU A 165 -6.04 5.74 14.80
C LEU A 165 -5.72 5.40 16.25
N ALA A 166 -5.33 4.15 16.50
CA ALA A 166 -4.95 3.75 17.84
C ALA A 166 -3.71 4.51 18.29
N LEU A 167 -3.66 4.83 19.58
CA LEU A 167 -2.41 5.36 20.13
C LEU A 167 -1.30 4.36 19.88
N GLY A 168 -0.14 4.88 19.48
CA GLY A 168 0.96 4.04 19.03
C GLY A 168 0.92 3.67 17.57
N GLY A 169 -0.20 3.89 16.90
CA GLY A 169 -0.31 3.59 15.49
C GLY A 169 0.46 4.58 14.63
N SER A 170 0.60 4.26 13.34
CA SER A 170 1.37 5.07 12.42
C SER A 170 0.60 5.31 11.14
N VAL A 171 1.12 6.24 10.34
CA VAL A 171 0.42 6.77 9.18
C VAL A 171 1.44 7.03 8.06
N ALA A 172 1.02 6.84 6.81
CA ALA A 172 1.79 7.31 5.65
C ALA A 172 0.82 7.86 4.60
N ILE A 173 0.83 9.18 4.41
CA ILE A 173 -0.17 9.88 3.60
C ILE A 173 0.56 10.56 2.45
N LYS A 174 0.15 10.23 1.23
CA LYS A 174 0.79 10.84 0.07
C LYS A 174 0.44 12.32 -0.01
N ILE A 175 1.47 13.14 -0.28
CA ILE A 175 1.33 14.55 -0.62
C ILE A 175 2.15 14.81 -1.88
N THR A 176 1.96 15.99 -2.46
CA THR A 176 2.78 16.48 -3.57
C THR A 176 3.01 17.97 -3.34
N GLU A 177 3.65 18.64 -4.30
CA GLU A 177 3.77 20.09 -4.21
C GLU A 177 2.41 20.75 -4.00
N HIS A 178 1.43 20.37 -4.80
CA HIS A 178 0.11 21.01 -4.78
C HIS A 178 -0.93 20.24 -3.97
N SER A 179 -0.74 18.95 -3.73
CA SER A 179 -1.70 18.16 -2.95
C SER A 179 -1.17 18.02 -1.53
N TRP A 180 -1.62 18.92 -0.65
CA TRP A 180 -1.12 18.94 0.71
C TRP A 180 -2.14 19.67 1.58
N ASN A 181 -1.95 19.60 2.89
CA ASN A 181 -2.90 20.17 3.82
C ASN A 181 -2.18 20.57 5.10
N ALA A 182 -2.41 21.82 5.56
CA ALA A 182 -1.66 22.34 6.69
C ALA A 182 -2.02 21.60 7.98
N ASP A 183 -3.29 21.27 8.17
CA ASP A 183 -3.67 20.56 9.41
C ASP A 183 -3.02 19.17 9.48
N LEU A 184 -2.80 18.53 8.34
CA LEU A 184 -2.15 17.22 8.37
C LEU A 184 -0.70 17.33 8.82
N TYR A 185 0.03 18.33 8.32
CA TYR A 185 1.36 18.63 8.87
C TYR A 185 1.28 18.93 10.37
N LYS A 186 0.30 19.74 10.79
CA LYS A 186 0.14 20.00 12.22
C LYS A 186 -0.06 18.70 12.99
N LEU A 187 -0.86 17.78 12.43
CA LEU A 187 -1.08 16.49 13.09
C LEU A 187 0.20 15.67 13.23
N MET A 188 1.17 15.85 12.31
CA MET A 188 2.45 15.15 12.47
C MET A 188 3.09 15.44 13.83
N GLY A 189 2.86 16.63 14.39
CA GLY A 189 3.38 16.91 15.73
C GLY A 189 2.70 16.16 16.85
N HIS A 190 1.68 15.35 16.53
CA HIS A 190 0.98 14.50 17.49
C HIS A 190 1.50 13.07 17.48
N PHE A 191 2.57 12.82 16.75
CA PHE A 191 3.26 11.54 16.80
C PHE A 191 4.61 11.72 17.51
N ALA A 192 5.18 10.60 17.94
CA ALA A 192 6.49 10.64 18.56
C ALA A 192 7.56 11.10 17.57
N TRP A 193 7.35 10.86 16.28
CA TRP A 193 8.31 11.25 15.25
C TRP A 193 7.57 11.32 13.92
N TRP A 194 8.10 12.11 12.99
CA TRP A 194 7.47 12.29 11.68
C TRP A 194 8.55 12.64 10.66
N THR A 195 8.21 12.41 9.39
CA THR A 195 9.08 12.82 8.28
C THR A 195 8.24 12.89 7.01
N ALA A 196 8.85 13.43 5.95
CA ALA A 196 8.34 13.33 4.59
C ALA A 196 9.33 12.46 3.83
N PHE A 197 8.85 11.34 3.31
CA PHE A 197 9.71 10.33 2.68
C PHE A 197 9.47 10.28 1.17
N VAL A 198 10.57 10.35 0.41
CA VAL A 198 10.54 10.31 -1.04
C VAL A 198 11.10 8.97 -1.52
N THR A 199 10.33 8.22 -2.30
CA THR A 199 10.88 6.95 -2.82
C THR A 199 11.93 7.25 -3.87
N ASN A 200 12.99 6.44 -3.89
CA ASN A 200 14.05 6.62 -4.90
C ASN A 200 13.54 6.33 -6.30
N VAL A 201 12.53 5.50 -6.43
CA VAL A 201 12.00 5.18 -7.75
C VAL A 201 11.18 6.34 -8.33
N ASN A 202 10.59 7.18 -7.48
CA ASN A 202 9.77 8.30 -7.94
C ASN A 202 10.37 9.65 -7.56
N ALA A 203 11.69 9.69 -7.36
CA ALA A 203 12.37 10.89 -6.86
C ALA A 203 12.28 12.08 -7.81
N SER A 204 11.90 11.86 -9.06
CA SER A 204 11.70 12.95 -10.01
C SER A 204 10.36 13.64 -9.85
N SER A 205 9.53 13.19 -8.92
CA SER A 205 8.23 13.78 -8.63
C SER A 205 8.29 14.52 -7.30
N SER A 206 7.43 15.53 -7.15
CA SER A 206 7.32 16.21 -5.87
C SER A 206 6.49 15.42 -4.86
N GLU A 207 5.97 14.25 -5.23
CA GLU A 207 5.26 13.45 -4.24
C GLU A 207 6.20 13.06 -3.10
N ALA A 208 5.61 12.93 -1.91
CA ALA A 208 6.28 12.29 -0.78
C ALA A 208 5.19 11.63 0.04
N PHE A 209 5.61 10.76 0.95
CA PHE A 209 4.71 10.22 1.97
C PHE A 209 5.01 10.90 3.29
N LEU A 210 4.03 11.64 3.81
CA LEU A 210 4.08 12.16 5.17
C LEU A 210 3.82 11.02 6.13
N ILE A 211 4.84 10.67 6.90
CA ILE A 211 4.81 9.53 7.80
C ILE A 211 4.73 10.04 9.22
N GLY A 212 3.69 9.64 9.95
CA GLY A 212 3.61 9.90 11.37
C GLY A 212 3.86 8.59 12.08
N CYS A 213 4.85 8.55 12.97
CA CYS A 213 5.31 7.30 13.59
C CYS A 213 4.97 7.30 15.07
N ASN A 214 4.12 6.35 15.50
CA ASN A 214 3.69 6.21 16.90
C ASN A 214 2.84 7.36 17.43
N TYR A 215 1.54 7.33 17.08
CA TYR A 215 0.56 8.34 17.45
C TYR A 215 0.41 8.47 18.97
N LEU A 216 0.38 9.71 19.45
CA LEU A 216 0.30 10.00 20.87
C LEU A 216 -1.00 10.66 21.28
N GLY A 217 -1.83 11.08 20.32
CA GLY A 217 -3.14 11.66 20.62
C GLY A 217 -3.12 13.04 21.23
N LYS A 218 -1.98 13.69 21.28
CA LYS A 218 -1.82 15.03 21.83
C LYS A 218 -0.69 15.70 21.09
N PRO A 219 -0.67 17.04 21.04
CA PRO A 219 0.47 17.72 20.41
C PRO A 219 1.76 17.55 21.21
N ARG A 220 2.72 16.84 20.64
CA ARG A 220 4.05 16.82 21.23
C ARG A 220 4.86 18.04 20.78
N GLU A 221 4.72 18.42 19.51
CA GLU A 221 5.32 19.61 18.93
C GLU A 221 4.21 20.46 18.33
N GLN A 222 4.38 21.78 18.36
CA GLN A 222 3.54 22.69 17.60
C GLN A 222 4.16 22.86 16.22
N ILE A 223 3.44 22.48 15.18
CA ILE A 223 3.92 22.59 13.81
C ILE A 223 2.96 23.49 13.04
N ASP A 224 3.50 24.54 12.43
CA ASP A 224 2.75 25.36 11.49
C ASP A 224 2.81 24.68 10.11
N GLY A 225 1.64 24.24 9.62
CA GLY A 225 1.61 23.42 8.42
C GLY A 225 1.98 24.15 7.15
N TYR A 226 1.69 25.46 7.08
CA TYR A 226 2.09 26.25 5.91
C TYR A 226 3.60 26.38 5.85
N VAL A 227 4.22 26.71 6.99
CA VAL A 227 5.69 26.76 7.07
C VAL A 227 6.30 25.41 6.74
N MET A 228 5.73 24.31 7.28
CA MET A 228 6.40 23.03 7.10
C MET A 228 6.34 22.59 5.64
N HIS A 229 5.23 22.85 4.95
CA HIS A 229 5.19 22.47 3.53
C HIS A 229 6.17 23.30 2.72
N ALA A 230 6.32 24.59 3.07
CA ALA A 230 7.35 25.40 2.47
C ALA A 230 8.74 24.83 2.75
N ASN A 231 8.96 24.36 3.99
CA ASN A 231 10.24 23.70 4.30
C ASN A 231 10.44 22.46 3.45
N TYR A 232 9.39 21.66 3.25
CA TYR A 232 9.50 20.46 2.45
C TYR A 232 9.91 20.79 1.01
N ILE A 233 9.24 21.78 0.41
CA ILE A 233 9.56 22.18 -0.97
C ILE A 233 10.99 22.71 -1.05
N PHE A 234 11.40 23.51 -0.07
CA PHE A 234 12.76 24.02 -0.08
C PHE A 234 13.77 22.87 -0.06
N TRP A 235 13.58 21.89 0.82
CA TRP A 235 14.42 20.70 0.82
C TRP A 235 14.45 20.05 -0.57
N ARG A 236 13.27 19.74 -1.14
CA ARG A 236 13.22 19.13 -2.45
C ARG A 236 13.90 20.00 -3.52
N ASN A 237 13.72 21.32 -3.47
CA ASN A 237 14.29 22.20 -4.49
C ASN A 237 15.81 22.25 -4.44
N THR A 238 16.42 22.04 -3.27
CA THR A 238 17.85 22.21 -3.14
C THR A 238 18.59 20.89 -2.95
N ASN A 239 17.89 19.76 -2.96
CA ASN A 239 18.51 18.44 -2.75
C ASN A 239 18.03 17.48 -3.82
N PRO A 240 18.60 17.53 -5.02
CA PRO A 240 18.21 16.58 -6.06
C PRO A 240 18.44 15.14 -5.58
N ILE A 241 17.48 14.28 -5.84
CA ILE A 241 17.57 12.89 -5.43
C ILE A 241 17.77 12.03 -6.67
N GLN A 242 18.85 11.25 -6.68
CA GLN A 242 19.16 10.40 -7.82
C GLN A 242 18.14 9.28 -7.91
N LEU A 243 17.45 9.20 -9.04
CA LEU A 243 16.51 8.10 -9.25
C LEU A 243 17.21 6.77 -9.11
N SER A 244 16.56 5.81 -8.46
CA SER A 244 17.22 4.54 -8.19
C SER A 244 16.19 3.46 -7.89
N SER A 245 16.36 2.31 -8.52
CA SER A 245 15.58 1.12 -8.19
C SER A 245 16.43 0.06 -7.50
N TYR A 246 17.64 0.41 -7.04
CA TYR A 246 18.57 -0.57 -6.46
C TYR A 246 17.92 -1.40 -5.36
N SER A 247 17.21 -0.76 -4.42
CA SER A 247 16.69 -1.49 -3.26
C SER A 247 15.66 -2.54 -3.65
N LEU A 248 15.10 -2.44 -4.86
CA LEU A 248 14.08 -3.39 -5.28
C LEU A 248 14.64 -4.79 -5.51
N PHE A 249 15.95 -4.91 -5.77
CA PHE A 249 16.53 -6.20 -6.08
C PHE A 249 16.91 -7.04 -4.86
N ASP A 250 16.83 -6.49 -3.65
CA ASP A 250 17.12 -7.26 -2.44
C ASP A 250 15.88 -7.25 -1.56
N MET A 251 15.11 -8.33 -1.63
CA MET A 251 13.86 -8.50 -0.89
C MET A 251 13.99 -9.50 0.25
N SER A 252 15.21 -9.93 0.59
CA SER A 252 15.38 -10.99 1.58
C SER A 252 14.90 -10.56 2.96
N LYS A 253 14.93 -9.27 3.26
CA LYS A 253 14.51 -8.79 4.58
C LYS A 253 13.24 -7.94 4.50
N PHE A 254 12.42 -8.17 3.47
CA PHE A 254 11.24 -7.33 3.25
C PHE A 254 10.14 -7.48 4.29
N PRO A 255 9.70 -8.68 4.68
CA PRO A 255 8.50 -8.78 5.54
C PRO A 255 8.61 -7.96 6.82
N LEU A 256 7.52 -7.30 7.20
CA LEU A 256 7.48 -6.55 8.46
C LEU A 256 7.69 -7.49 9.63
N LYS A 257 8.57 -7.11 10.55
CA LYS A 257 8.89 -7.95 11.70
C LYS A 257 7.66 -8.08 12.61
N LEU A 258 7.17 -9.31 12.82
CA LEU A 258 6.06 -9.48 13.75
C LEU A 258 6.60 -9.32 15.17
N ARG A 259 6.31 -8.16 15.76
CA ARG A 259 6.79 -7.83 17.09
C ARG A 259 5.86 -8.30 18.19
N GLY A 260 4.63 -8.65 17.86
CA GLY A 260 3.66 -9.02 18.87
C GLY A 260 3.41 -7.91 19.87
N THR A 261 3.35 -6.67 19.40
CA THR A 261 3.25 -5.51 20.27
C THR A 261 1.99 -5.60 21.15
N ALA A 262 2.15 -5.25 22.42
CA ALA A 262 1.03 -5.33 23.36
C ALA A 262 -0.08 -4.36 22.96
N VAL A 263 -1.32 -4.82 23.10
CA VAL A 263 -2.52 -4.02 22.91
C VAL A 263 -3.26 -3.94 24.23
N MET A 264 -3.56 -2.73 24.67
CA MET A 264 -4.31 -2.50 25.90
C MET A 264 -5.43 -1.52 25.63
N SER A 265 -6.48 -1.59 26.44
CA SER A 265 -7.56 -0.62 26.44
C SER A 265 -7.42 0.29 27.64
N LEU A 266 -7.11 1.57 27.41
CA LEU A 266 -6.95 2.54 28.49
C LEU A 266 -7.77 3.79 28.18
N LYS A 267 -8.16 4.49 29.23
CA LYS A 267 -9.02 5.66 29.12
C LYS A 267 -8.18 6.91 29.33
N GLU A 268 -8.64 8.03 28.74
CA GLU A 268 -7.76 9.19 28.52
C GLU A 268 -7.00 9.60 29.79
N GLY A 269 -7.68 9.63 30.93
CA GLY A 269 -7.00 10.00 32.17
C GLY A 269 -5.99 9.00 32.68
N GLN A 270 -5.83 7.87 31.99
CA GLN A 270 -4.98 6.77 32.44
C GLN A 270 -3.67 6.71 31.66
N ILE A 271 -3.38 7.72 30.85
CA ILE A 271 -2.20 7.73 29.97
C ILE A 271 -1.06 8.41 30.73
N ASN A 272 -0.30 7.59 31.47
CA ASN A 272 0.94 8.00 32.12
C ASN A 272 1.90 8.62 31.12
N ASP A 273 2.87 9.41 31.59
CA ASP A 273 4.05 9.61 30.77
C ASP A 273 4.83 8.32 30.61
N MET A 274 4.67 7.38 31.55
CA MET A 274 5.20 6.04 31.36
C MET A 274 4.55 5.36 30.15
N ILE A 275 3.24 5.55 29.98
CA ILE A 275 2.55 5.00 28.82
C ILE A 275 2.99 5.74 27.55
N LEU A 276 3.04 7.07 27.62
CA LEU A 276 3.49 7.86 26.48
C LEU A 276 4.88 7.43 26.01
N SER A 277 5.76 7.02 26.93
CA SER A 277 7.09 6.54 26.53
C SER A 277 7.00 5.23 25.78
N LEU A 278 6.19 4.28 26.30
CA LEU A 278 5.99 3.02 25.61
C LEU A 278 5.42 3.24 24.21
N LEU A 279 4.39 4.10 24.12
CA LEU A 279 3.83 4.47 22.82
C LEU A 279 4.91 5.00 21.88
N SER A 280 5.74 5.93 22.39
CA SER A 280 6.77 6.57 21.59
C SER A 280 7.82 5.63 21.09
N LYS A 281 8.03 4.50 21.77
CA LYS A 281 9.01 3.51 21.40
C LYS A 281 8.46 2.41 20.51
N GLY A 282 7.20 2.47 20.11
CA GLY A 282 6.66 1.40 19.31
C GLY A 282 6.38 0.13 20.08
N ARG A 283 6.20 0.24 21.40
CA ARG A 283 6.04 -0.92 22.26
C ARG A 283 4.62 -1.09 22.78
N LEU A 284 3.68 -0.23 22.38
CA LEU A 284 2.33 -0.31 22.90
C LEU A 284 1.34 0.20 21.87
N ILE A 285 0.20 -0.50 21.75
CA ILE A 285 -0.97 -0.06 21.01
C ILE A 285 -2.13 0.07 22.00
N ILE A 286 -2.81 1.20 21.97
CA ILE A 286 -3.96 1.43 22.85
C ILE A 286 -5.21 1.53 21.99
N ARG A 287 -6.04 0.50 22.06
CA ARG A 287 -7.34 0.47 21.39
C ARG A 287 -8.12 -0.71 21.96
N GLU A 288 -9.41 -0.74 21.68
CA GLU A 288 -10.18 -1.92 21.98
C GLU A 288 -9.83 -3.02 20.98
N ASN A 289 -10.09 -4.26 21.34
CA ASN A 289 -9.72 -5.39 20.51
C ASN A 289 -10.95 -6.20 20.08
N ASN A 290 -12.05 -5.50 19.82
CA ASN A 290 -13.29 -6.14 19.41
C ASN A 290 -13.21 -6.53 17.94
N ARG A 291 -14.35 -6.88 17.35
CA ARG A 291 -14.39 -7.26 15.95
C ARG A 291 -14.34 -6.02 15.07
N VAL A 292 -13.75 -6.18 13.89
CA VAL A 292 -13.59 -5.09 12.93
C VAL A 292 -14.81 -5.02 12.03
N VAL A 293 -15.51 -3.88 12.08
CA VAL A 293 -16.74 -3.66 11.33
C VAL A 293 -16.61 -2.34 10.58
N ILE A 294 -16.89 -2.37 9.28
CA ILE A 294 -16.74 -1.22 8.40
C ILE A 294 -18.02 -1.06 7.59
N SER A 295 -18.18 0.11 6.99
CA SER A 295 -19.34 0.31 6.12
C SER A 295 -19.13 1.54 5.26
N SER A 296 -19.90 1.60 4.18
CA SER A 296 -19.89 2.71 3.25
C SER A 296 -21.29 3.32 3.21
N ASP A 297 -21.38 4.63 3.45
CA ASP A 297 -22.66 5.32 3.31
C ASP A 297 -23.10 5.35 1.85
N VAL A 298 -24.35 4.97 1.61
CA VAL A 298 -24.96 5.01 0.29
C VAL A 298 -26.02 6.10 0.28
N LEU A 299 -25.87 7.07 -0.60
CA LEU A 299 -26.88 8.11 -0.78
C LEU A 299 -27.92 7.60 -1.77
N VAL A 300 -29.18 7.62 -1.36
CA VAL A 300 -30.27 7.11 -2.18
C VAL A 300 -30.92 8.30 -2.87
N ASN A 301 -30.80 8.36 -4.19
CA ASN A 301 -31.28 9.44 -5.06
C ASN A 301 -31.47 10.82 -4.40
N ALA B 21 -31.39 -22.86 -17.25
CA ALA B 21 -30.22 -23.67 -17.58
C ALA B 21 -29.09 -22.85 -18.22
N PHE B 22 -29.36 -21.58 -18.51
CA PHE B 22 -28.37 -20.73 -19.18
C PHE B 22 -27.33 -20.23 -18.17
N ALA B 23 -26.06 -20.37 -18.53
CA ALA B 23 -24.95 -19.86 -17.75
C ALA B 23 -23.87 -19.36 -18.69
N VAL B 24 -23.39 -18.14 -18.45
CA VAL B 24 -22.28 -17.63 -19.23
C VAL B 24 -21.02 -18.42 -18.89
N ASP B 25 -20.27 -18.82 -19.91
CA ASP B 25 -19.05 -19.62 -19.75
C ASP B 25 -17.87 -18.73 -20.12
N ALA B 26 -17.38 -17.96 -19.15
CA ALA B 26 -16.31 -17.02 -19.43
C ALA B 26 -14.99 -17.74 -19.67
N ALA B 27 -14.75 -18.83 -18.94
CA ALA B 27 -13.52 -19.61 -19.13
C ALA B 27 -13.40 -20.09 -20.57
N LYS B 28 -14.47 -20.70 -21.09
CA LYS B 28 -14.45 -21.13 -22.50
C LYS B 28 -14.33 -19.94 -23.44
N ALA B 29 -15.01 -18.84 -23.12
CA ALA B 29 -14.92 -17.66 -23.97
C ALA B 29 -13.50 -17.10 -24.01
N TYR B 30 -12.82 -17.09 -22.86
CA TYR B 30 -11.45 -16.57 -22.84
C TYR B 30 -10.51 -17.50 -23.58
N LYS B 31 -10.60 -18.81 -23.30
CA LYS B 31 -9.79 -19.79 -24.04
C LYS B 31 -9.99 -19.65 -25.55
N ASP B 32 -11.25 -19.49 -25.98
CA ASP B 32 -11.52 -19.39 -27.41
C ASP B 32 -10.98 -18.08 -27.98
N TYR B 33 -11.08 -16.99 -27.22
CA TYR B 33 -10.51 -15.73 -27.68
C TYR B 33 -8.99 -15.80 -27.71
N LEU B 34 -8.37 -16.53 -26.77
CA LEU B 34 -6.93 -16.75 -26.82
C LEU B 34 -6.54 -17.53 -28.08
N ALA B 35 -7.25 -18.65 -28.34
CA ALA B 35 -6.96 -19.45 -29.53
C ALA B 35 -7.18 -18.64 -30.80
N SER B 36 -8.19 -17.78 -30.83
CA SER B 36 -8.44 -16.91 -31.97
C SER B 36 -7.31 -15.91 -32.22
N GLY B 37 -6.32 -15.82 -31.32
CA GLY B 37 -5.23 -14.88 -31.47
C GLY B 37 -5.39 -13.55 -30.74
N GLY B 38 -6.22 -13.50 -29.70
CA GLY B 38 -6.43 -12.26 -28.97
C GLY B 38 -5.38 -12.01 -27.90
N GLN B 39 -5.14 -10.72 -27.63
CA GLN B 39 -4.14 -10.33 -26.64
C GLN B 39 -4.58 -10.76 -25.24
N PRO B 40 -3.73 -11.44 -24.47
CA PRO B 40 -4.11 -11.84 -23.11
C PRO B 40 -4.45 -10.66 -22.21
N ILE B 41 -5.21 -10.96 -21.15
CA ILE B 41 -5.51 -9.96 -20.12
C ILE B 41 -4.20 -9.44 -19.54
N THR B 42 -4.09 -8.11 -19.44
CA THR B 42 -2.89 -7.44 -18.97
C THR B 42 -3.10 -6.87 -17.57
N ASN B 43 -2.07 -6.19 -17.09
CA ASN B 43 -2.04 -5.50 -15.80
C ASN B 43 -2.24 -6.45 -14.62
N CYS B 44 -1.93 -7.73 -14.77
CA CYS B 44 -1.74 -8.59 -13.61
C CYS B 44 -0.59 -8.03 -12.77
N VAL B 45 -0.72 -8.12 -11.44
CA VAL B 45 0.14 -7.37 -10.53
C VAL B 45 1.35 -8.24 -10.20
N LYS B 46 2.49 -7.97 -10.82
CA LYS B 46 3.71 -8.74 -10.55
C LYS B 46 4.44 -8.19 -9.33
N MET B 47 4.87 -9.09 -8.45
CA MET B 47 5.48 -8.72 -7.18
C MET B 47 7.00 -8.75 -7.29
N LEU B 48 7.66 -7.89 -6.51
CA LEU B 48 9.07 -8.07 -6.26
C LEU B 48 9.24 -9.17 -5.21
N CYS B 49 10.18 -10.08 -5.45
CA CYS B 49 10.48 -11.13 -4.49
C CYS B 49 11.87 -11.66 -4.77
N THR B 50 12.34 -12.56 -3.88
CA THR B 50 13.70 -13.10 -3.98
C THR B 50 13.88 -14.08 -5.14
N HIS B 51 12.80 -14.73 -5.57
CA HIS B 51 12.85 -15.83 -6.54
C HIS B 51 13.69 -17.01 -6.02
N THR B 52 13.68 -17.20 -4.71
CA THR B 52 14.24 -18.37 -4.03
C THR B 52 13.19 -19.05 -3.16
N GLY B 53 11.90 -18.96 -3.56
CA GLY B 53 10.82 -19.50 -2.76
C GLY B 53 10.50 -20.94 -3.12
N THR B 54 9.44 -21.46 -2.47
CA THR B 54 9.09 -22.88 -2.59
C THR B 54 8.67 -23.27 -4.00
N GLY B 55 8.22 -22.34 -4.82
CA GLY B 55 7.74 -22.70 -6.13
C GLY B 55 6.32 -23.23 -6.17
N GLN B 56 5.68 -23.39 -5.02
CA GLN B 56 4.28 -23.82 -4.99
C GLN B 56 3.38 -22.82 -5.72
N ALA B 57 2.19 -23.29 -6.07
CA ALA B 57 1.36 -22.61 -7.06
C ALA B 57 0.67 -21.37 -6.48
N ILE B 58 -0.02 -21.52 -5.35
CA ILE B 58 -0.85 -20.48 -4.75
C ILE B 58 -0.50 -20.40 -3.28
N THR B 59 0.06 -19.28 -2.85
CA THR B 59 0.66 -19.20 -1.53
C THR B 59 0.24 -17.93 -0.81
N VAL B 60 0.51 -17.89 0.50
CA VAL B 60 0.13 -16.75 1.34
C VAL B 60 1.02 -15.53 1.10
N THR B 61 2.25 -15.73 0.64
CA THR B 61 3.18 -14.67 0.29
C THR B 61 3.89 -15.12 -0.98
N PRO B 62 4.54 -14.21 -1.71
CA PRO B 62 5.23 -14.62 -2.93
C PRO B 62 6.21 -15.77 -2.70
N GLU B 63 6.14 -16.78 -3.56
CA GLU B 63 6.97 -17.96 -3.41
C GLU B 63 7.63 -18.36 -4.73
N ALA B 64 7.75 -17.44 -5.68
CA ALA B 64 8.41 -17.74 -6.94
C ALA B 64 9.82 -18.31 -6.70
N ASN B 65 10.15 -19.34 -7.48
CA ASN B 65 11.52 -19.84 -7.53
C ASN B 65 12.22 -19.16 -8.70
N MET B 66 13.40 -19.68 -9.08
CA MET B 66 14.18 -19.06 -10.15
C MET B 66 13.44 -19.08 -11.48
N ASP B 67 12.50 -20.01 -11.64
CA ASP B 67 11.81 -20.21 -12.91
C ASP B 67 10.42 -19.57 -12.95
N GLN B 68 10.05 -18.77 -11.95
CA GLN B 68 8.67 -18.29 -11.82
C GLN B 68 8.61 -16.79 -11.53
N GLU B 69 7.46 -16.20 -11.84
CA GLU B 69 7.10 -14.88 -11.34
C GLU B 69 5.94 -15.05 -10.36
N SER B 70 5.88 -14.16 -9.36
CA SER B 70 4.79 -14.14 -8.40
C SER B 70 3.89 -12.95 -8.67
N PHE B 71 2.57 -13.18 -8.64
CA PHE B 71 1.58 -12.15 -8.94
C PHE B 71 0.55 -12.09 -7.82
N GLY B 72 0.01 -10.89 -7.61
CA GLY B 72 -1.12 -10.78 -6.70
C GLY B 72 -2.29 -11.57 -7.26
N GLY B 73 -2.93 -12.39 -6.41
CA GLY B 73 -3.86 -13.41 -6.90
C GLY B 73 -5.09 -12.82 -7.58
N ALA B 74 -5.71 -11.82 -6.94
CA ALA B 74 -6.96 -11.28 -7.50
C ALA B 74 -6.77 -10.80 -8.92
N SER B 75 -5.63 -10.19 -9.23
CA SER B 75 -5.38 -9.66 -10.57
C SER B 75 -5.20 -10.75 -11.63
N CYS B 76 -4.99 -12.00 -11.22
CA CYS B 76 -4.82 -13.13 -12.13
C CYS B 76 -6.06 -14.01 -12.25
N CYS B 77 -7.15 -13.63 -11.62
CA CYS B 77 -8.36 -14.44 -11.59
C CYS B 77 -9.33 -13.91 -12.65
N LEU B 78 -9.73 -14.77 -13.57
CA LEU B 78 -10.63 -14.35 -14.65
C LEU B 78 -11.91 -13.74 -14.10
N TYR B 79 -12.46 -14.35 -13.05
CA TYR B 79 -13.75 -13.93 -12.53
C TYR B 79 -13.64 -12.60 -11.79
N CYS B 80 -12.59 -12.42 -10.98
CA CYS B 80 -12.33 -11.12 -10.39
C CYS B 80 -12.17 -10.05 -11.47
N ARG B 81 -11.34 -10.33 -12.48
CA ARG B 81 -10.99 -9.29 -13.43
C ARG B 81 -12.15 -8.91 -14.34
N CYS B 82 -13.05 -9.87 -14.63
CA CYS B 82 -14.18 -9.62 -15.50
C CYS B 82 -15.43 -9.20 -14.76
N HIS B 83 -15.39 -9.15 -13.42
CA HIS B 83 -16.55 -8.80 -12.60
C HIS B 83 -17.72 -9.76 -12.88
N ILE B 84 -17.44 -11.05 -12.75
CA ILE B 84 -18.45 -12.08 -12.95
C ILE B 84 -18.35 -13.05 -11.78
N ASP B 85 -19.40 -13.85 -11.61
CA ASP B 85 -19.47 -14.74 -10.46
C ASP B 85 -18.41 -15.85 -10.58
N HIS B 86 -17.94 -16.31 -9.44
CA HIS B 86 -17.01 -17.43 -9.45
C HIS B 86 -17.79 -18.74 -9.58
N PRO B 87 -17.33 -19.67 -10.42
CA PRO B 87 -18.10 -20.91 -10.72
C PRO B 87 -17.96 -21.98 -9.64
N ASN B 88 -18.80 -21.85 -8.61
CA ASN B 88 -18.80 -22.63 -7.38
C ASN B 88 -20.10 -22.23 -6.66
N PRO B 89 -20.80 -23.17 -5.99
CA PRO B 89 -21.94 -22.74 -5.16
C PRO B 89 -21.56 -21.65 -4.17
N LYS B 90 -20.58 -21.94 -3.31
CA LYS B 90 -19.89 -20.91 -2.57
C LYS B 90 -19.21 -19.99 -3.59
N GLY B 91 -19.61 -18.73 -3.68
CA GLY B 91 -19.00 -17.90 -4.71
C GLY B 91 -17.55 -17.54 -4.42
N PHE B 92 -16.74 -18.55 -4.11
CA PHE B 92 -15.45 -18.38 -3.45
C PHE B 92 -14.33 -18.28 -4.47
N CYS B 93 -13.33 -17.44 -4.18
CA CYS B 93 -12.15 -17.28 -5.03
C CYS B 93 -10.94 -17.83 -4.28
N ASP B 94 -10.22 -18.75 -4.91
CA ASP B 94 -9.04 -19.30 -4.26
C ASP B 94 -7.76 -18.58 -4.67
N LEU B 95 -7.86 -17.47 -5.38
CA LEU B 95 -6.71 -16.64 -5.73
C LEU B 95 -6.67 -15.32 -4.99
N LYS B 96 -7.82 -14.69 -4.81
CA LYS B 96 -7.94 -13.41 -4.13
C LYS B 96 -7.30 -13.45 -2.74
N GLY B 97 -6.43 -12.48 -2.47
CA GLY B 97 -5.77 -12.41 -1.18
C GLY B 97 -4.55 -13.28 -1.04
N LYS B 98 -4.17 -13.99 -2.09
CA LYS B 98 -3.01 -14.86 -2.13
C LYS B 98 -2.11 -14.43 -3.28
N TYR B 99 -1.01 -15.16 -3.47
CA TYR B 99 -0.09 -14.91 -4.58
C TYR B 99 -0.03 -16.18 -5.42
N VAL B 100 0.00 -16.00 -6.74
CA VAL B 100 0.08 -17.12 -7.66
C VAL B 100 1.43 -17.08 -8.36
N GLN B 101 2.12 -18.22 -8.34
CA GLN B 101 3.39 -18.38 -9.04
C GLN B 101 3.11 -18.85 -10.46
N ILE B 102 3.67 -18.13 -11.43
CA ILE B 102 3.48 -18.44 -12.84
C ILE B 102 4.85 -18.75 -13.43
N PRO B 103 5.03 -19.88 -14.12
CA PRO B 103 6.28 -20.12 -14.83
C PRO B 103 6.61 -18.92 -15.70
N THR B 104 7.90 -18.53 -15.68
CA THR B 104 8.29 -17.31 -16.39
C THR B 104 7.96 -17.38 -17.87
N THR B 105 8.02 -18.58 -18.47
CA THR B 105 7.68 -18.70 -19.88
C THR B 105 6.20 -18.48 -20.16
N CYS B 106 5.35 -18.53 -19.14
CA CYS B 106 3.92 -18.33 -19.30
C CYS B 106 3.44 -17.01 -18.71
N ALA B 107 4.35 -16.17 -18.22
CA ALA B 107 3.94 -15.02 -17.43
C ALA B 107 3.32 -13.91 -18.26
N ASN B 108 3.35 -14.03 -19.60
CA ASN B 108 2.64 -13.06 -20.44
C ASN B 108 1.12 -13.22 -20.37
N ASP B 109 0.62 -14.31 -19.82
CA ASP B 109 -0.84 -14.54 -19.70
C ASP B 109 -1.13 -15.26 -18.41
N PRO B 110 -0.97 -14.58 -17.27
CA PRO B 110 -1.24 -15.27 -15.99
C PRO B 110 -2.66 -15.76 -15.84
N VAL B 111 -3.66 -15.00 -16.32
CA VAL B 111 -5.05 -15.43 -16.19
C VAL B 111 -5.28 -16.71 -16.97
N GLY B 112 -4.86 -16.73 -18.24
CA GLY B 112 -4.97 -17.95 -19.02
C GLY B 112 -4.26 -19.13 -18.37
N PHE B 113 -3.10 -18.87 -17.76
CA PHE B 113 -2.38 -19.96 -17.13
C PHE B 113 -3.15 -20.54 -15.95
N THR B 114 -3.69 -19.68 -15.05
CA THR B 114 -4.38 -20.23 -13.89
C THR B 114 -5.68 -20.92 -14.29
N LEU B 115 -6.26 -20.52 -15.42
CA LEU B 115 -7.48 -21.17 -15.90
C LEU B 115 -7.19 -22.58 -16.42
N LYS B 116 -6.10 -22.73 -17.18
CA LYS B 116 -5.82 -23.95 -17.93
C LYS B 116 -5.05 -24.98 -17.12
N ASN B 117 -4.69 -24.71 -15.88
CA ASN B 117 -3.79 -25.59 -15.16
C ASN B 117 -4.38 -25.94 -13.80
N THR B 118 -3.80 -26.98 -13.19
CA THR B 118 -4.33 -27.56 -11.97
C THR B 118 -3.22 -27.68 -10.93
N VAL B 119 -3.58 -27.43 -9.68
CA VAL B 119 -2.67 -27.55 -8.56
C VAL B 119 -2.75 -28.96 -8.01
N CYS B 120 -1.59 -29.64 -7.91
CA CYS B 120 -1.56 -30.94 -7.24
C CYS B 120 -1.91 -30.78 -5.76
N THR B 121 -2.91 -31.55 -5.31
CA THR B 121 -3.43 -31.36 -3.96
C THR B 121 -2.57 -32.02 -2.88
N VAL B 122 -1.45 -32.66 -3.22
CA VAL B 122 -0.56 -33.24 -2.22
C VAL B 122 0.74 -32.44 -2.08
N CYS B 123 1.33 -31.99 -3.19
CA CYS B 123 2.58 -31.24 -3.10
C CYS B 123 2.42 -29.74 -3.31
N GLY B 124 1.27 -29.27 -3.81
CA GLY B 124 1.02 -27.86 -3.98
C GLY B 124 1.64 -27.23 -5.21
N MET B 125 2.32 -28.00 -6.07
CA MET B 125 2.90 -27.49 -7.30
C MET B 125 1.89 -27.58 -8.44
N TRP B 126 2.17 -26.85 -9.50
CA TRP B 126 1.37 -26.98 -10.72
C TRP B 126 1.63 -28.33 -11.36
N LYS B 127 0.55 -29.03 -11.72
CA LYS B 127 0.70 -30.26 -12.51
C LYS B 127 1.45 -29.94 -13.80
N GLY B 128 2.54 -30.66 -14.03
CA GLY B 128 3.34 -30.43 -15.23
C GLY B 128 4.22 -29.21 -15.19
N TYR B 129 4.27 -28.49 -14.06
CA TYR B 129 5.18 -27.35 -13.91
C TYR B 129 5.79 -27.34 -12.52
N GLY B 130 6.18 -28.51 -12.03
CA GLY B 130 6.82 -28.61 -10.73
C GLY B 130 6.41 -29.81 -9.91
N CYS B 131 5.21 -30.33 -10.15
CA CYS B 131 4.74 -31.49 -9.39
C CYS B 131 5.42 -32.76 -9.89
N SER B 132 6.20 -33.40 -9.03
CA SER B 132 6.96 -34.60 -9.37
C SER B 132 6.36 -35.86 -8.73
N CYS B 133 5.07 -35.81 -8.36
CA CYS B 133 4.46 -36.91 -7.62
C CYS B 133 4.25 -38.16 -8.48
N ASP B 134 4.26 -38.02 -9.80
CA ASP B 134 3.92 -39.12 -10.70
C ASP B 134 5.14 -39.92 -11.16
N GLN B 135 6.34 -39.39 -10.99
CA GLN B 135 7.56 -40.01 -11.50
C GLN B 135 7.78 -41.41 -10.96
#